data_6EKL
#
_entry.id   6EKL
#
_cell.length_a   47.280
_cell.length_b   51.840
_cell.length_c   126.180
_cell.angle_alpha   90.00
_cell.angle_beta   90.00
_cell.angle_gamma   90.00
#
_symmetry.space_group_name_H-M   'P 21 21 21'
#
loop_
_entity.id
_entity.type
_entity.pdbx_description
1 polymer 'Mitotic spindle assembly checkpoint protein MAD2B'
2 polymer 'Chromosome alignment-maintaining phosphoprotein 1'
3 water water
#
loop_
_entity_poly.entity_id
_entity_poly.type
_entity_poly.pdbx_seq_one_letter_code
_entity_poly.pdbx_strand_id
1 'polypeptide(L)'
;MTTLTRQDLNSAQVVADVLSEFLEVAVHLILYVREVYPVGIFQKRKKYNVPVQMSCHPELNQYIQDTLHCVKPLLEKNDV
EKVVVVILDKEHRPVEKFVFEITQPPLLSINSDSLLSHVEQLLRAFILKISKVDKVLDHNPPGCTFTVLVHTREAATRNM
EKIQVIKDFPWILADEQDVHMHDPRLIPLKTMTSDILKMQLYVEERAHKNS
;
A
2 'polypeptide(L)' MSASSGPWKPAKPAPSVSPGPWKPIPSVS B
#
# COMPACT_ATOMS: atom_id res chain seq x y z
N THR A 2 14.12 32.51 -0.18
CA THR A 2 14.15 31.09 0.29
C THR A 2 14.03 30.12 -0.89
N THR A 3 14.92 29.15 -0.93
CA THR A 3 14.93 28.16 -2.00
C THR A 3 14.15 26.92 -1.59
N LEU A 4 13.27 26.44 -2.47
CA LEU A 4 12.45 25.29 -2.15
C LEU A 4 12.87 23.99 -2.81
N THR A 5 12.60 22.88 -2.12
CA THR A 5 12.87 21.54 -2.62
C THR A 5 11.48 21.02 -2.96
N ARG A 6 11.42 19.88 -3.65
CA ARG A 6 10.11 19.34 -4.03
C ARG A 6 9.16 19.20 -2.84
N GLN A 7 9.65 18.63 -1.75
CA GLN A 7 8.83 18.42 -0.56
C GLN A 7 8.28 19.71 0.04
N ASP A 8 8.93 20.84 -0.23
CA ASP A 8 8.47 22.12 0.30
C ASP A 8 7.23 22.66 -0.43
N LEU A 9 6.94 22.11 -1.60
CA LEU A 9 5.79 22.55 -2.37
C LEU A 9 4.48 22.11 -1.73
N ASN A 10 3.53 23.03 -1.60
CA ASN A 10 2.25 22.70 -1.02
C ASN A 10 1.61 21.57 -1.84
N SER A 11 1.73 21.67 -3.16
CA SER A 11 1.17 20.66 -4.03
C SER A 11 1.73 19.27 -3.79
N ALA A 12 3.03 19.19 -3.47
CA ALA A 12 3.66 17.90 -3.21
C ALA A 12 3.10 17.29 -1.94
N GLN A 13 2.79 18.15 -0.97
CA GLN A 13 2.25 17.69 0.31
C GLN A 13 0.81 17.24 0.15
N VAL A 14 0.04 17.95 -0.69
CA VAL A 14 -1.35 17.58 -0.91
C VAL A 14 -1.45 16.26 -1.67
N VAL A 15 -0.60 16.09 -2.69
CA VAL A 15 -0.62 14.86 -3.45
C VAL A 15 -0.20 13.69 -2.57
N ALA A 16 0.79 13.91 -1.71
CA ALA A 16 1.25 12.88 -0.80
C ALA A 16 0.11 12.48 0.12
N ASP A 17 -0.68 13.47 0.54
CA ASP A 17 -1.83 13.21 1.42
C ASP A 17 -2.87 12.37 0.70
N VAL A 18 -3.19 12.78 -0.53
CA VAL A 18 -4.19 12.08 -1.34
C VAL A 18 -3.77 10.65 -1.66
N LEU A 19 -2.52 10.46 -2.05
CA LEU A 19 -2.04 9.12 -2.39
C LEU A 19 -1.92 8.21 -1.17
N SER A 20 -1.53 8.77 -0.03
CA SER A 20 -1.41 7.97 1.18
C SER A 20 -2.80 7.49 1.60
N GLU A 21 -3.79 8.36 1.47
CA GLU A 21 -5.16 7.99 1.82
C GLU A 21 -5.66 6.92 0.86
N PHE A 22 -5.32 7.06 -0.41
CA PHE A 22 -5.71 6.08 -1.41
C PHE A 22 -5.14 4.71 -1.04
N LEU A 23 -3.87 4.69 -0.67
CA LEU A 23 -3.25 3.42 -0.29
C LEU A 23 -3.96 2.82 0.92
N GLU A 24 -4.43 3.67 1.83
CA GLU A 24 -5.15 3.17 3.02
C GLU A 24 -6.45 2.50 2.57
N VAL A 25 -7.19 3.18 1.70
CA VAL A 25 -8.45 2.63 1.18
C VAL A 25 -8.18 1.31 0.46
N ALA A 26 -7.14 1.28 -0.37
CA ALA A 26 -6.80 0.08 -1.12
C ALA A 26 -6.38 -1.08 -0.22
N VAL A 27 -5.60 -0.78 0.82
CA VAL A 27 -5.17 -1.84 1.73
C VAL A 27 -6.39 -2.44 2.43
N HIS A 28 -7.28 -1.60 2.93
CA HIS A 28 -8.49 -2.10 3.59
C HIS A 28 -9.26 -2.99 2.63
N LEU A 29 -9.43 -2.53 1.39
CA LEU A 29 -10.18 -3.29 0.39
C LEU A 29 -9.55 -4.63 0.05
N ILE A 30 -8.23 -4.64 -0.09
CA ILE A 30 -7.51 -5.88 -0.38
C ILE A 30 -7.73 -6.87 0.76
N LEU A 31 -7.61 -6.39 2.00
CA LEU A 31 -7.79 -7.28 3.15
C LEU A 31 -9.21 -7.86 3.15
N TYR A 32 -10.18 -7.08 2.69
CA TYR A 32 -11.57 -7.52 2.63
C TYR A 32 -11.81 -8.54 1.51
N VAL A 33 -11.44 -8.18 0.28
CA VAL A 33 -11.68 -9.07 -0.85
C VAL A 33 -10.84 -10.34 -0.87
N ARG A 34 -9.72 -10.34 -0.17
CA ARG A 34 -8.88 -11.54 -0.12
C ARG A 34 -9.11 -12.28 1.19
N GLU A 35 -10.05 -11.76 1.98
CA GLU A 35 -10.42 -12.35 3.27
C GLU A 35 -9.26 -12.60 4.23
N VAL A 36 -8.35 -11.63 4.31
CA VAL A 36 -7.22 -11.75 5.23
C VAL A 36 -7.78 -11.59 6.64
N TYR A 37 -8.80 -10.75 6.77
CA TYR A 37 -9.51 -10.56 8.03
C TYR A 37 -10.97 -10.86 7.67
N PRO A 38 -11.76 -11.30 8.66
CA PRO A 38 -13.17 -11.65 8.48
C PRO A 38 -14.06 -10.51 7.96
N VAL A 39 -15.05 -10.87 7.14
CA VAL A 39 -15.97 -9.87 6.61
C VAL A 39 -16.65 -9.11 7.74
N GLY A 40 -16.85 -9.79 8.86
CA GLY A 40 -17.50 -9.18 10.00
C GLY A 40 -16.88 -7.91 10.55
N ILE A 41 -15.57 -7.72 10.39
CA ILE A 41 -14.97 -6.50 10.92
C ILE A 41 -15.08 -5.30 9.99
N PHE A 42 -15.54 -5.54 8.76
CA PHE A 42 -15.66 -4.45 7.77
C PHE A 42 -17.05 -3.86 7.64
N GLN A 43 -17.10 -2.59 7.23
CA GLN A 43 -18.36 -1.91 6.99
C GLN A 43 -18.25 -1.15 5.68
N LYS A 44 -19.31 -1.20 4.88
CA LYS A 44 -19.32 -0.50 3.62
C LYS A 44 -19.34 1.02 3.85
N ARG A 45 -18.50 1.73 3.12
CA ARG A 45 -18.45 3.19 3.21
C ARG A 45 -18.30 3.70 1.78
N LYS A 46 -18.24 5.01 1.60
CA LYS A 46 -18.11 5.57 0.26
C LYS A 46 -16.83 6.39 0.14
N LYS A 47 -16.12 6.19 -0.95
CA LYS A 47 -14.88 6.90 -1.23
C LYS A 47 -14.77 7.03 -2.76
N TYR A 48 -14.41 8.22 -3.22
CA TYR A 48 -14.30 8.48 -4.67
C TYR A 48 -15.63 8.18 -5.33
N ASN A 49 -16.71 8.34 -4.57
CA ASN A 49 -18.07 8.11 -5.05
C ASN A 49 -18.35 6.66 -5.44
N VAL A 50 -17.62 5.73 -4.85
CA VAL A 50 -17.80 4.31 -5.13
C VAL A 50 -17.81 3.56 -3.80
N PRO A 51 -18.45 2.39 -3.74
CA PRO A 51 -18.45 1.68 -2.47
C PRO A 51 -17.09 1.06 -2.13
N VAL A 52 -16.71 1.17 -0.87
CA VAL A 52 -15.46 0.59 -0.40
C VAL A 52 -15.76 -0.14 0.91
N GLN A 53 -14.76 -0.82 1.46
CA GLN A 53 -14.95 -1.55 2.71
C GLN A 53 -13.94 -1.05 3.74
N MET A 54 -14.45 -0.61 4.88
CA MET A 54 -13.58 -0.08 5.92
C MET A 54 -13.55 -0.97 7.15
N SER A 55 -12.35 -1.37 7.57
CA SER A 55 -12.23 -2.17 8.78
C SER A 55 -12.67 -1.33 9.97
N CYS A 56 -13.35 -1.96 10.91
CA CYS A 56 -13.78 -1.27 12.10
C CYS A 56 -13.03 -1.82 13.31
N HIS A 57 -11.89 -2.46 13.05
CA HIS A 57 -11.06 -2.98 14.13
C HIS A 57 -10.07 -1.86 14.38
N PRO A 58 -10.16 -1.19 15.53
CA PRO A 58 -9.26 -0.08 15.84
C PRO A 58 -7.75 -0.35 15.76
N GLU A 59 -7.32 -1.51 16.26
CA GLU A 59 -5.90 -1.87 16.24
C GLU A 59 -5.38 -2.00 14.81
N LEU A 60 -6.12 -2.72 13.98
CA LEU A 60 -5.72 -2.90 12.58
C LEU A 60 -5.71 -1.53 11.89
N ASN A 61 -6.71 -0.71 12.17
CA ASN A 61 -6.78 0.60 11.54
C ASN A 61 -5.59 1.47 11.90
N GLN A 62 -5.18 1.42 13.16
CA GLN A 62 -4.04 2.20 13.61
C GLN A 62 -2.76 1.70 12.97
N TYR A 63 -2.64 0.38 12.83
CA TYR A 63 -1.47 -0.23 12.22
C TYR A 63 -1.31 0.23 10.78
N ILE A 64 -2.40 0.20 10.02
CA ILE A 64 -2.36 0.62 8.63
C ILE A 64 -2.02 2.10 8.52
N GLN A 65 -2.62 2.94 9.37
CA GLN A 65 -2.31 4.37 9.32
C GLN A 65 -0.87 4.64 9.71
N ASP A 66 -0.38 3.96 10.75
CA ASP A 66 1.00 4.15 11.19
C ASP A 66 1.95 3.79 10.06
N THR A 67 1.67 2.69 9.38
CA THR A 67 2.52 2.22 8.29
C THR A 67 2.54 3.22 7.14
N LEU A 68 1.36 3.62 6.68
CA LEU A 68 1.28 4.53 5.56
C LEU A 68 1.73 5.96 5.88
N HIS A 69 1.68 6.35 7.15
CA HIS A 69 2.12 7.68 7.55
C HIS A 69 3.61 7.81 7.24
N CYS A 70 4.31 6.68 7.24
CA CYS A 70 5.75 6.65 6.95
C CYS A 70 6.05 6.76 5.46
N VAL A 71 5.06 6.48 4.64
CA VAL A 71 5.23 6.56 3.20
C VAL A 71 5.01 8.00 2.70
N LYS A 72 4.22 8.76 3.43
CA LYS A 72 3.91 10.14 3.07
C LYS A 72 5.14 10.99 2.77
N PRO A 73 6.13 11.02 3.68
CA PRO A 73 7.32 11.84 3.40
C PRO A 73 8.07 11.38 2.14
N LEU A 74 8.05 10.08 1.88
CA LEU A 74 8.72 9.56 0.69
C LEU A 74 7.98 10.06 -0.55
N LEU A 75 6.65 10.12 -0.47
CA LEU A 75 5.86 10.58 -1.59
C LEU A 75 6.15 12.05 -1.87
N GLU A 76 6.22 12.87 -0.83
CA GLU A 76 6.50 14.29 -1.00
C GLU A 76 7.84 14.51 -1.70
N LYS A 77 8.82 13.69 -1.35
CA LYS A 77 10.16 13.79 -1.92
C LYS A 77 10.32 13.01 -3.23
N ASN A 78 9.27 12.31 -3.63
CA ASN A 78 9.29 11.50 -4.84
C ASN A 78 10.37 10.43 -4.73
N ASP A 79 10.40 9.76 -3.58
CA ASP A 79 11.38 8.71 -3.33
C ASP A 79 10.77 7.31 -3.18
N VAL A 80 9.49 7.17 -3.53
CA VAL A 80 8.85 5.86 -3.46
C VAL A 80 8.66 5.30 -4.85
N GLU A 81 9.11 4.07 -5.06
CA GLU A 81 8.95 3.42 -6.36
C GLU A 81 7.78 2.45 -6.32
N LYS A 82 7.65 1.71 -5.23
CA LYS A 82 6.56 0.75 -5.11
C LYS A 82 6.12 0.52 -3.68
N VAL A 83 4.83 0.25 -3.52
CA VAL A 83 4.26 -0.11 -2.22
C VAL A 83 3.58 -1.43 -2.53
N VAL A 84 3.93 -2.46 -1.78
CA VAL A 84 3.39 -3.79 -2.01
C VAL A 84 2.67 -4.39 -0.82
N VAL A 85 1.48 -4.91 -1.05
CA VAL A 85 0.75 -5.57 0.01
C VAL A 85 0.99 -7.05 -0.25
N VAL A 86 1.69 -7.70 0.67
CA VAL A 86 2.03 -9.10 0.53
C VAL A 86 1.13 -9.95 1.43
N ILE A 87 0.51 -10.97 0.85
CA ILE A 87 -0.34 -11.86 1.62
C ILE A 87 0.44 -13.15 1.77
N LEU A 88 0.66 -13.58 3.02
CA LEU A 88 1.41 -14.82 3.25
C LEU A 88 0.55 -15.88 3.93
N ASP A 89 0.82 -17.15 3.63
CA ASP A 89 0.07 -18.24 4.24
C ASP A 89 0.60 -18.50 5.64
N LYS A 90 -0.01 -19.43 6.36
CA LYS A 90 0.42 -19.74 7.72
C LYS A 90 1.85 -20.26 7.78
N GLU A 91 2.38 -20.71 6.65
CA GLU A 91 3.76 -21.20 6.61
C GLU A 91 4.71 -20.05 6.30
N HIS A 92 4.18 -18.83 6.35
CA HIS A 92 4.95 -17.63 6.09
C HIS A 92 5.47 -17.52 4.65
N ARG A 93 4.77 -18.19 3.73
CA ARG A 93 5.14 -18.15 2.33
C ARG A 93 4.23 -17.17 1.59
N PRO A 94 4.80 -16.31 0.75
CA PRO A 94 3.99 -15.35 0.00
C PRO A 94 3.09 -16.06 -1.00
N VAL A 95 1.80 -15.76 -0.98
CA VAL A 95 0.85 -16.38 -1.90
C VAL A 95 0.35 -15.38 -2.94
N GLU A 96 0.26 -14.11 -2.55
CA GLU A 96 -0.20 -13.07 -3.46
C GLU A 96 0.49 -11.77 -3.09
N LYS A 97 0.78 -10.95 -4.10
CA LYS A 97 1.39 -9.67 -3.88
C LYS A 97 0.67 -8.64 -4.74
N PHE A 98 0.11 -7.62 -4.09
CA PHE A 98 -0.57 -6.55 -4.81
C PHE A 98 0.48 -5.45 -4.91
N VAL A 99 0.98 -5.24 -6.11
CA VAL A 99 2.05 -4.28 -6.36
C VAL A 99 1.56 -2.95 -6.92
N PHE A 100 1.83 -1.88 -6.18
CA PHE A 100 1.46 -0.53 -6.62
C PHE A 100 2.73 0.21 -7.03
N GLU A 101 2.99 0.30 -8.33
CA GLU A 101 4.15 1.02 -8.81
C GLU A 101 3.74 2.47 -8.94
N ILE A 102 4.58 3.36 -8.44
CA ILE A 102 4.27 4.78 -8.47
C ILE A 102 5.41 5.61 -9.06
N THR A 103 5.06 6.57 -9.91
CA THR A 103 6.06 7.50 -10.43
C THR A 103 5.41 8.87 -10.33
N GLN A 104 6.22 9.88 -10.01
CA GLN A 104 5.73 11.23 -9.88
C GLN A 104 6.70 12.17 -10.57
N PRO A 105 6.23 13.33 -11.04
CA PRO A 105 7.14 14.26 -11.71
C PRO A 105 8.11 14.85 -10.68
N PRO A 106 9.28 15.31 -11.12
CA PRO A 106 10.29 15.91 -10.24
C PRO A 106 9.83 17.19 -9.56
N LEU A 107 8.77 17.78 -10.07
CA LEU A 107 8.22 19.00 -9.50
C LEU A 107 6.73 19.07 -9.82
N LEU A 108 6.03 19.93 -9.08
CA LEU A 108 4.62 20.16 -9.27
C LEU A 108 4.46 21.67 -9.35
N SER A 109 3.41 22.13 -10.03
CA SER A 109 3.18 23.56 -10.19
C SER A 109 2.93 24.34 -8.91
N ILE A 110 3.42 25.58 -8.86
CA ILE A 110 3.18 26.43 -7.69
C ILE A 110 1.83 27.11 -7.90
N ASN A 111 1.25 26.91 -9.08
CA ASN A 111 -0.07 27.45 -9.41
C ASN A 111 -1.00 26.29 -9.06
N SER A 112 -1.19 26.06 -7.76
CA SER A 112 -2.01 24.98 -7.22
C SER A 112 -3.38 24.74 -7.84
N ASP A 113 -3.82 25.66 -8.69
CA ASP A 113 -5.12 25.53 -9.33
C ASP A 113 -5.22 24.27 -10.20
N SER A 114 -6.35 23.57 -10.09
CA SER A 114 -6.61 22.37 -10.87
C SER A 114 -5.65 21.21 -10.56
N LEU A 115 -5.05 21.22 -9.39
CA LEU A 115 -4.11 20.17 -9.00
C LEU A 115 -4.74 18.78 -9.03
N LEU A 116 -5.84 18.61 -8.29
CA LEU A 116 -6.51 17.32 -8.19
C LEU A 116 -7.69 17.17 -9.16
N SER A 117 -7.71 18.01 -10.19
CA SER A 117 -8.76 18.00 -11.20
C SER A 117 -9.43 16.66 -11.53
N HIS A 118 -8.66 15.75 -12.12
CA HIS A 118 -9.18 14.44 -12.53
C HIS A 118 -8.62 13.29 -11.69
N VAL A 119 -8.07 13.60 -10.53
CA VAL A 119 -7.47 12.56 -9.68
C VAL A 119 -8.45 11.51 -9.17
N GLU A 120 -9.64 11.94 -8.76
CA GLU A 120 -10.64 11.02 -8.25
C GLU A 120 -11.04 9.95 -9.27
N GLN A 121 -11.18 10.34 -10.54
CA GLN A 121 -11.54 9.38 -11.57
C GLN A 121 -10.45 8.32 -11.72
N LEU A 122 -9.20 8.75 -11.54
CA LEU A 122 -8.08 7.84 -11.67
C LEU A 122 -8.04 6.85 -10.51
N LEU A 123 -8.12 7.36 -9.29
CA LEU A 123 -8.09 6.50 -8.11
C LEU A 123 -9.29 5.56 -8.12
N ARG A 124 -10.44 6.07 -8.53
CA ARG A 124 -11.66 5.27 -8.59
C ARG A 124 -11.47 4.03 -9.46
N ALA A 125 -10.76 4.20 -10.58
CA ALA A 125 -10.53 3.09 -11.49
C ALA A 125 -9.78 1.95 -10.82
N PHE A 126 -8.79 2.28 -9.99
CA PHE A 126 -8.02 1.25 -9.30
C PHE A 126 -8.87 0.52 -8.25
N ILE A 127 -9.67 1.29 -7.52
CA ILE A 127 -10.53 0.70 -6.49
C ILE A 127 -11.52 -0.28 -7.13
N LEU A 128 -12.09 0.10 -8.27
CA LEU A 128 -13.04 -0.77 -8.94
C LEU A 128 -12.39 -2.07 -9.38
N LYS A 129 -11.13 -2.01 -9.83
CA LYS A 129 -10.43 -3.22 -10.25
C LYS A 129 -10.17 -4.14 -9.06
N ILE A 130 -9.75 -3.54 -7.94
CA ILE A 130 -9.48 -4.34 -6.74
C ILE A 130 -10.77 -5.00 -6.26
N SER A 131 -11.87 -4.26 -6.32
CA SER A 131 -13.18 -4.75 -5.87
C SER A 131 -13.61 -6.08 -6.50
N LYS A 132 -13.19 -6.33 -7.73
CA LYS A 132 -13.58 -7.57 -8.42
C LYS A 132 -12.41 -8.50 -8.73
N VAL A 133 -11.28 -8.29 -8.06
CA VAL A 133 -10.11 -9.11 -8.32
C VAL A 133 -10.29 -10.58 -7.94
N ASP A 134 -11.25 -10.85 -7.06
CA ASP A 134 -11.49 -12.23 -6.63
C ASP A 134 -11.94 -13.11 -7.79
N LYS A 135 -12.38 -12.48 -8.88
CA LYS A 135 -12.86 -13.21 -10.05
C LYS A 135 -11.72 -13.75 -10.91
N VAL A 136 -10.53 -13.23 -10.73
CA VAL A 136 -9.37 -13.66 -11.52
C VAL A 136 -8.28 -14.31 -10.67
N LEU A 137 -8.57 -14.50 -9.39
CA LEU A 137 -7.61 -15.11 -8.47
C LEU A 137 -8.19 -16.34 -7.78
N ASP A 138 -7.33 -17.29 -7.45
CA ASP A 138 -7.76 -18.49 -6.76
C ASP A 138 -7.91 -18.16 -5.28
N HIS A 139 -8.75 -18.92 -4.58
CA HIS A 139 -8.97 -18.70 -3.16
C HIS A 139 -7.70 -18.93 -2.35
N ASN A 140 -7.40 -18.02 -1.42
CA ASN A 140 -6.23 -18.17 -0.58
C ASN A 140 -6.52 -19.17 0.52
N PRO A 141 -5.47 -19.84 1.04
CA PRO A 141 -5.66 -20.82 2.11
C PRO A 141 -5.98 -20.10 3.41
N PRO A 142 -6.66 -20.78 4.35
CA PRO A 142 -7.01 -20.15 5.63
C PRO A 142 -5.78 -19.78 6.45
N GLY A 143 -5.92 -18.77 7.30
CA GLY A 143 -4.83 -18.35 8.16
C GLY A 143 -3.77 -17.44 7.58
N CYS A 144 -4.09 -16.74 6.50
CA CYS A 144 -3.12 -15.83 5.89
C CYS A 144 -3.01 -14.54 6.69
N THR A 145 -1.87 -13.87 6.54
CA THR A 145 -1.62 -12.59 7.20
C THR A 145 -1.08 -11.69 6.10
N PHE A 146 -0.77 -10.43 6.43
CA PHE A 146 -0.22 -9.55 5.42
C PHE A 146 0.92 -8.70 5.97
N THR A 147 1.72 -8.19 5.05
CA THR A 147 2.85 -7.33 5.37
C THR A 147 2.83 -6.26 4.28
N VAL A 148 3.48 -5.14 4.52
CA VAL A 148 3.57 -4.09 3.53
C VAL A 148 5.04 -3.86 3.24
N LEU A 149 5.39 -3.89 1.96
CA LEU A 149 6.76 -3.67 1.53
C LEU A 149 6.86 -2.34 0.81
N VAL A 150 7.93 -1.61 1.05
CA VAL A 150 8.12 -0.34 0.38
C VAL A 150 9.48 -0.34 -0.31
N HIS A 151 9.48 -0.05 -1.61
CA HIS A 151 10.71 0.02 -2.39
C HIS A 151 10.95 1.50 -2.63
N THR A 152 12.15 1.98 -2.31
CA THR A 152 12.43 3.39 -2.50
C THR A 152 13.41 3.64 -3.64
N ARG A 153 13.65 4.91 -3.92
CA ARG A 153 14.58 5.31 -4.95
C ARG A 153 15.98 4.95 -4.45
N GLU A 154 16.83 4.45 -5.33
CA GLU A 154 18.18 4.08 -4.95
C GLU A 154 19.04 5.33 -4.86
N MET A 160 21.86 3.07 5.30
CA MET A 160 22.88 2.05 5.55
C MET A 160 22.52 1.24 6.79
N GLU A 161 21.59 1.75 7.59
CA GLU A 161 21.15 1.07 8.80
C GLU A 161 20.09 0.01 8.48
N LYS A 162 20.24 -1.16 9.09
CA LYS A 162 19.30 -2.27 8.86
C LYS A 162 17.94 -1.98 9.51
N ILE A 163 17.95 -1.13 10.53
CA ILE A 163 16.73 -0.75 11.24
C ILE A 163 16.54 0.75 11.14
N GLN A 164 15.42 1.16 10.55
CA GLN A 164 15.10 2.58 10.36
C GLN A 164 13.81 2.94 11.08
N VAL A 165 13.86 3.96 11.93
CA VAL A 165 12.66 4.39 12.64
C VAL A 165 12.14 5.70 12.06
N ILE A 166 10.97 5.63 11.44
CA ILE A 166 10.33 6.77 10.80
C ILE A 166 9.02 7.07 11.52
N LYS A 167 8.80 8.33 11.90
CA LYS A 167 7.57 8.70 12.60
C LYS A 167 7.29 7.74 13.76
N ASP A 168 8.32 7.47 14.55
CA ASP A 168 8.22 6.57 15.71
C ASP A 168 7.84 5.13 15.36
N PHE A 169 7.96 4.76 14.09
CA PHE A 169 7.59 3.41 13.64
C PHE A 169 8.82 2.72 13.07
N PRO A 170 9.22 1.57 13.63
CA PRO A 170 10.40 0.85 13.13
C PRO A 170 10.22 0.06 11.84
N TRP A 171 11.19 0.21 10.93
CA TRP A 171 11.19 -0.51 9.66
C TRP A 171 12.49 -1.32 9.56
N ILE A 172 12.43 -2.45 8.87
CA ILE A 172 13.60 -3.29 8.68
C ILE A 172 13.62 -3.81 7.25
N LEU A 173 14.78 -4.29 6.80
CA LEU A 173 14.88 -4.82 5.44
C LEU A 173 14.16 -6.16 5.36
N ALA A 174 13.37 -6.33 4.31
CA ALA A 174 12.64 -7.57 4.11
C ALA A 174 13.64 -8.59 3.58
N ASP A 175 13.31 -9.87 3.72
CA ASP A 175 14.18 -10.93 3.25
C ASP A 175 13.51 -11.76 2.16
N GLU A 176 14.32 -12.33 1.27
CA GLU A 176 13.79 -13.15 0.18
C GLU A 176 13.03 -14.35 0.73
N GLN A 177 13.09 -14.52 2.04
CA GLN A 177 12.42 -15.63 2.71
C GLN A 177 10.91 -15.37 2.77
N ASP A 178 10.52 -14.13 2.51
CA ASP A 178 9.11 -13.74 2.54
C ASP A 178 8.75 -12.80 1.40
N VAL A 179 9.61 -12.72 0.40
CA VAL A 179 9.36 -11.85 -0.74
C VAL A 179 9.82 -12.51 -2.04
N HIS A 180 9.81 -13.83 -2.07
CA HIS A 180 10.24 -14.56 -3.27
C HIS A 180 9.19 -15.53 -3.77
N MET A 181 8.90 -15.44 -5.07
CA MET A 181 7.94 -16.32 -5.72
C MET A 181 8.59 -16.82 -7.00
N HIS A 182 8.74 -18.14 -7.11
CA HIS A 182 9.35 -18.74 -8.30
C HIS A 182 8.43 -18.65 -9.51
N ASP A 183 8.82 -17.84 -10.49
CA ASP A 183 8.05 -17.66 -11.71
C ASP A 183 6.56 -17.57 -11.43
N PRO A 184 6.12 -16.50 -10.74
CA PRO A 184 4.71 -16.31 -10.41
C PRO A 184 3.86 -15.84 -11.57
N ARG A 185 2.55 -16.01 -11.43
CA ARG A 185 1.60 -15.59 -12.45
C ARG A 185 1.43 -14.08 -12.26
N LEU A 186 1.50 -13.33 -13.34
CA LEU A 186 1.34 -11.88 -13.28
C LEU A 186 -0.02 -11.52 -13.83
N ILE A 187 -0.79 -10.78 -13.03
CA ILE A 187 -2.12 -10.36 -13.43
C ILE A 187 -2.22 -8.85 -13.43
N PRO A 188 -2.19 -8.23 -14.61
CA PRO A 188 -2.29 -6.77 -14.68
C PRO A 188 -3.69 -6.34 -14.27
N LEU A 189 -3.78 -5.26 -13.50
CA LEU A 189 -5.09 -4.77 -13.08
C LEU A 189 -5.38 -3.40 -13.69
N LYS A 190 -4.47 -2.46 -13.52
CA LYS A 190 -4.70 -1.13 -14.05
C LYS A 190 -3.44 -0.28 -14.10
N THR A 191 -3.26 0.44 -15.21
CA THR A 191 -2.11 1.35 -15.37
C THR A 191 -2.67 2.64 -15.94
N MET A 192 -2.45 3.74 -15.24
CA MET A 192 -2.94 5.03 -15.70
C MET A 192 -1.91 6.12 -15.49
N THR A 193 -2.02 7.19 -16.28
CA THR A 193 -1.11 8.32 -16.17
C THR A 193 -1.89 9.61 -16.03
N SER A 194 -1.25 10.61 -15.43
CA SER A 194 -1.81 11.92 -15.23
C SER A 194 -0.63 12.87 -15.05
N ASP A 195 -0.92 14.17 -14.98
CA ASP A 195 0.14 15.17 -14.82
C ASP A 195 0.85 15.10 -13.48
N ILE A 196 0.19 14.52 -12.47
CA ILE A 196 0.78 14.45 -11.15
C ILE A 196 1.21 13.05 -10.74
N LEU A 197 0.83 12.05 -11.51
CA LEU A 197 1.17 10.68 -11.14
C LEU A 197 0.93 9.65 -12.21
N LYS A 198 1.77 8.61 -12.19
CA LYS A 198 1.62 7.48 -13.09
C LYS A 198 1.60 6.34 -12.08
N MET A 199 0.63 5.44 -12.22
CA MET A 199 0.55 4.32 -11.29
C MET A 199 0.19 3.04 -12.02
N GLN A 200 0.78 1.95 -11.59
CA GLN A 200 0.51 0.65 -12.20
C GLN A 200 0.27 -0.36 -11.08
N LEU A 201 -0.88 -1.00 -11.13
CA LEU A 201 -1.24 -2.01 -10.14
C LEU A 201 -1.37 -3.37 -10.80
N TYR A 202 -0.69 -4.36 -10.23
CA TYR A 202 -0.79 -5.71 -10.74
C TYR A 202 -0.63 -6.68 -9.57
N VAL A 203 -1.00 -7.92 -9.81
CA VAL A 203 -0.89 -8.93 -8.77
C VAL A 203 0.07 -10.03 -9.19
N GLU A 204 0.87 -10.50 -8.24
CA GLU A 204 1.78 -11.61 -8.48
C GLU A 204 1.15 -12.72 -7.67
N GLU A 205 0.86 -13.83 -8.33
CA GLU A 205 0.23 -14.96 -7.64
C GLU A 205 1.14 -16.18 -7.70
N ARG A 206 1.32 -16.84 -6.56
CA ARG A 206 2.15 -18.03 -6.48
C ARG A 206 1.66 -19.08 -7.47
N ALA A 207 2.61 -19.68 -8.19
CA ALA A 207 2.29 -20.70 -9.18
C ALA A 207 3.22 -21.90 -9.04
N SER B 4 16.71 -0.18 -6.85
CA SER B 4 15.96 0.53 -5.83
C SER B 4 16.39 0.09 -4.43
N SER B 5 16.08 0.90 -3.43
CA SER B 5 16.42 0.59 -2.05
C SER B 5 15.33 -0.24 -1.39
N GLY B 6 15.76 -1.21 -0.58
CA GLY B 6 14.80 -2.07 0.10
C GLY B 6 14.72 -3.43 -0.56
N PRO B 7 13.55 -4.08 -0.51
CA PRO B 7 12.33 -3.55 0.12
C PRO B 7 12.39 -3.46 1.64
N TRP B 8 11.64 -2.51 2.18
CA TRP B 8 11.57 -2.29 3.63
C TRP B 8 10.19 -2.73 4.11
N LYS B 9 10.13 -3.26 5.32
CA LYS B 9 8.85 -3.68 5.90
C LYS B 9 8.79 -3.26 7.36
N PRO B 10 7.58 -3.13 7.91
CA PRO B 10 7.49 -2.74 9.32
C PRO B 10 8.09 -3.83 10.20
N ALA B 11 8.78 -3.44 11.26
CA ALA B 11 9.36 -4.41 12.18
C ALA B 11 8.20 -5.00 12.99
N LYS B 12 7.14 -4.21 13.13
CA LYS B 12 5.94 -4.63 13.86
C LYS B 12 5.03 -5.39 12.90
N PRO B 13 4.66 -6.64 13.24
CA PRO B 13 3.79 -7.41 12.35
C PRO B 13 2.36 -6.93 12.46
N ALA B 14 1.55 -7.19 11.44
CA ALA B 14 0.15 -6.78 11.47
C ALA B 14 -0.51 -7.46 12.67
N PRO B 15 -1.43 -6.76 13.33
CA PRO B 15 -2.10 -7.33 14.49
C PRO B 15 -3.08 -8.44 14.12
N SER B 16 -3.15 -9.44 14.99
CA SER B 16 -4.11 -10.52 14.78
C SER B 16 -5.42 -10.02 15.39
N VAL B 17 -6.53 -10.69 15.08
CA VAL B 17 -7.84 -10.32 15.58
C VAL B 17 -7.78 -10.01 17.07
N SER B 18 -7.15 -10.90 17.82
CA SER B 18 -6.94 -10.73 19.26
C SER B 18 -5.42 -10.67 19.40
N PRO B 19 -4.91 -9.86 20.34
CA PRO B 19 -3.46 -9.73 20.53
C PRO B 19 -2.65 -11.04 20.53
N GLY B 20 -1.52 -11.01 19.84
CA GLY B 20 -0.65 -12.16 19.76
C GLY B 20 0.11 -12.45 21.04
N PRO B 21 0.96 -13.50 21.05
CA PRO B 21 1.75 -13.90 22.21
C PRO B 21 2.98 -13.03 22.49
N TRP B 22 3.58 -13.25 23.65
CA TRP B 22 4.78 -12.52 24.05
C TRP B 22 6.01 -13.17 23.45
N LYS B 23 6.61 -12.51 22.47
CA LYS B 23 7.81 -13.01 21.81
C LYS B 23 8.61 -11.86 21.21
N PRO B 24 9.40 -11.15 22.05
CA PRO B 24 10.21 -10.02 21.61
C PRO B 24 11.26 -10.35 20.56
N ILE B 25 11.82 -11.55 20.61
CA ILE B 25 12.82 -11.94 19.63
C ILE B 25 12.50 -13.29 18.98
#